data_9E55
#
_entry.id   9E55
#
_cell.length_a   100.729
_cell.length_b   100.729
_cell.length_c   328.684
_cell.angle_alpha   90.00
_cell.angle_beta   90.00
_cell.angle_gamma   120.00
#
_symmetry.space_group_name_H-M   'H 3 2'
#
loop_
_entity.id
_entity.type
_entity.pdbx_description
1 polymer 'Hemagglutinin HA1 subunit'
2 polymer 'Hemagglutinin HA2 subunit'
3 polymer 'IHA-100 peptide'
4 branched 2-acetamido-2-deoxy-beta-D-glucopyranose-(1-4)-2-acetamido-2-deoxy-beta-D-glucopyranose
5 water water
#
loop_
_entity_poly.entity_id
_entity_poly.type
_entity_poly.pdbx_seq_one_letter_code
_entity_poly.pdbx_strand_id
1 'polypeptide(L)'
;DPGDQICIGYHANNSTEQVDTIMEKNVTVTHAQDILEKKHNGKLCDLDGVKPLILRDCSVAGWLLGNPMCDEFINVPEWS
YIVEKANPVNNLCYPGDFNDYEELKHLLSRINHFEKIQIIPKSSWSSHEASLGVSSACPYQGKSSFFRNVVWLIKKNSTY
PTIKRSYNNTNQEDLLVLWGIHHPNDAAEQTKLYQNPTTYISVGTSTLNQRLVPRIATRSKVNGQSGRMEFFWTILKPND
AINFESNGNFIAPEYAYKIVKKGDSTIMKSELEYGNCNTKCQTPMGAINSSMPFHNIHPLTIGECPKYVKSNRLVLATGL
RNS
;
A
2 'polypeptide(L)'
;GLFGAIAGFIEGGWQGMVDGWYGYHHSNEQGSGYAADKESTQKAIDGVTNKVNSIIDKMNTQFEAVGREFNNLERRIENL
NKKMEDGFLDVWTYNAELLVLMENERTLDFHDSNVKNLYDKVRLQLRDNAKELGNGCFEFYHKCDNECMESVRNGTYDYP
QYSEEARLKREEISSG
;
B
3 'polypeptide(L)' (ACE)WTGDFFSSHYTVPRC P
#
# COMPACT_ATOMS: atom_id res chain seq x y z
N ASP A 1 37.46 -25.56 50.79
CA ASP A 1 37.66 -24.42 49.92
C ASP A 1 36.44 -24.18 49.02
N PRO A 2 36.14 -22.91 48.74
CA PRO A 2 35.05 -22.62 47.79
C PRO A 2 35.41 -23.12 46.40
N GLY A 3 34.49 -23.85 45.80
CA GLY A 3 34.80 -24.50 44.51
C GLY A 3 34.60 -23.62 43.30
N ASP A 4 35.21 -24.03 42.20
CA ASP A 4 35.07 -23.29 40.92
C ASP A 4 33.60 -23.40 40.50
N GLN A 5 33.07 -22.45 39.72
CA GLN A 5 31.62 -22.48 39.43
C GLN A 5 31.29 -22.19 37.97
N ILE A 6 30.63 -23.12 37.28
CA ILE A 6 30.09 -22.85 35.95
C ILE A 6 28.62 -22.51 36.12
N CYS A 7 28.17 -21.48 35.43
CA CYS A 7 26.81 -20.97 35.56
C CYS A 7 26.17 -20.89 34.18
N ILE A 8 24.84 -20.95 34.14
CA ILE A 8 24.09 -20.91 32.88
C ILE A 8 23.08 -19.78 32.96
N GLY A 9 22.96 -19.04 31.87
CA GLY A 9 22.08 -17.88 31.84
C GLY A 9 22.08 -17.24 30.48
N TYR A 10 21.53 -16.03 30.42
CA TYR A 10 21.23 -15.39 29.14
C TYR A 10 21.73 -13.95 29.12
N HIS A 11 21.42 -13.26 28.01
CA HIS A 11 21.92 -11.93 27.71
C HIS A 11 20.87 -10.88 28.02
N ALA A 12 21.33 -9.71 28.47
CA ALA A 12 20.48 -8.56 28.72
C ALA A 12 21.20 -7.31 28.26
N ASN A 13 20.48 -6.44 27.56
CA ASN A 13 21.07 -5.19 27.09
C ASN A 13 20.20 -3.99 27.40
N ASN A 14 20.55 -2.83 26.85
CA ASN A 14 19.86 -1.57 27.15
C ASN A 14 18.60 -1.36 26.33
N SER A 15 18.09 -2.40 25.68
CA SER A 15 16.95 -2.23 24.78
C SER A 15 15.68 -1.98 25.57
N THR A 16 15.00 -0.86 25.25
CA THR A 16 13.72 -0.55 25.92
C THR A 16 12.58 -1.03 25.03
N GLU A 17 12.90 -1.74 23.96
CA GLU A 17 11.89 -2.26 23.01
C GLU A 17 10.93 -3.21 23.74
N GLN A 18 9.63 -2.98 23.59
CA GLN A 18 8.62 -3.83 24.27
C GLN A 18 7.75 -4.50 23.21
N VAL A 19 7.40 -5.77 23.42
CA VAL A 19 6.58 -6.52 22.43
C VAL A 19 5.42 -7.16 23.21
N ASP A 20 4.31 -7.44 22.54
CA ASP A 20 3.12 -7.98 23.23
C ASP A 20 2.91 -9.44 22.82
N THR A 21 2.33 -10.24 23.71
CA THR A 21 2.02 -11.66 23.41
C THR A 21 0.55 -11.91 23.72
N ILE A 22 0.15 -13.18 23.79
CA ILE A 22 -1.29 -13.51 23.99
C ILE A 22 -1.64 -13.38 25.48
N MET A 23 -0.72 -13.76 26.35
CA MET A 23 -0.98 -13.72 27.81
C MET A 23 -0.35 -12.47 28.43
N GLU A 24 0.80 -12.06 27.90
CA GLU A 24 1.50 -10.91 28.52
C GLU A 24 1.76 -9.83 27.46
N LYS A 25 1.62 -8.57 27.86
CA LYS A 25 1.86 -7.44 26.92
C LYS A 25 2.93 -6.52 27.49
N ASN A 26 3.50 -5.68 26.64
CA ASN A 26 4.54 -4.72 27.08
C ASN A 26 5.69 -5.52 27.70
N VAL A 27 6.17 -6.52 26.97
CA VAL A 27 7.29 -7.36 27.46
C VAL A 27 8.59 -6.81 26.90
N THR A 28 9.44 -6.28 27.78
CA THR A 28 10.75 -5.72 27.33
C THR A 28 11.58 -6.84 26.71
N VAL A 29 12.20 -6.57 25.57
CA VAL A 29 12.92 -7.65 24.84
C VAL A 29 14.33 -7.15 24.49
N THR A 30 15.26 -8.08 24.28
CA THR A 30 16.66 -7.72 23.97
C THR A 30 16.73 -7.20 22.54
N HIS A 31 15.99 -7.83 21.63
CA HIS A 31 16.02 -7.44 20.20
C HIS A 31 14.62 -7.55 19.60
N ALA A 32 14.15 -6.50 18.91
CA ALA A 32 12.81 -6.54 18.28
C ALA A 32 12.85 -5.90 16.90
N GLN A 33 11.89 -6.24 16.04
CA GLN A 33 11.81 -5.63 14.68
C GLN A 33 10.44 -5.02 14.46
N ASP A 34 10.37 -3.71 14.26
CA ASP A 34 9.08 -3.05 13.92
C ASP A 34 8.78 -3.43 12.48
N ILE A 35 7.60 -3.96 12.21
CA ILE A 35 7.27 -4.43 10.84
C ILE A 35 6.26 -3.46 10.20
N LEU A 36 5.88 -2.40 10.94
CA LEU A 36 4.86 -1.49 10.46
C LEU A 36 5.45 -0.09 10.29
N GLU A 37 5.06 0.55 9.19
CA GLU A 37 5.54 1.93 8.94
C GLU A 37 4.41 2.91 9.22
N LYS A 38 4.77 4.07 9.73
CA LYS A 38 3.82 5.10 10.10
C LYS A 38 4.30 6.49 9.69
N LYS A 39 5.12 6.57 8.65
CA LYS A 39 5.72 7.84 8.24
C LYS A 39 5.41 8.11 6.78
N HIS A 40 4.95 9.33 6.49
CA HIS A 40 4.62 9.77 5.14
C HIS A 40 5.05 11.22 5.00
N ASN A 41 5.49 11.60 3.79
CA ASN A 41 5.98 12.95 3.57
C ASN A 41 4.86 13.98 3.49
N GLY A 42 3.63 13.55 3.22
CA GLY A 42 2.51 14.47 3.19
C GLY A 42 2.34 15.25 1.90
N LYS A 43 2.85 14.74 0.79
CA LYS A 43 2.81 15.46 -0.47
C LYS A 43 2.88 14.48 -1.64
N LEU A 44 2.24 14.86 -2.74
CA LEU A 44 2.22 14.04 -3.93
C LEU A 44 3.56 14.10 -4.64
N CYS A 45 3.98 12.97 -5.21
CA CYS A 45 5.32 12.82 -5.78
C CYS A 45 5.25 12.08 -7.09
N ASP A 46 6.35 12.12 -7.82
CA ASP A 46 6.52 11.27 -9.00
C ASP A 46 6.60 9.81 -8.58
N LEU A 47 6.23 8.93 -9.51
CA LEU A 47 6.35 7.49 -9.34
C LEU A 47 7.16 6.98 -10.53
N ASP A 48 8.38 6.51 -10.27
CA ASP A 48 9.36 6.23 -11.31
C ASP A 48 9.62 7.52 -12.10
N GLY A 49 9.95 8.58 -11.36
CA GLY A 49 10.18 9.91 -11.91
C GLY A 49 9.14 10.37 -12.91
N VAL A 50 7.96 9.75 -12.84
CA VAL A 50 6.85 10.10 -13.79
C VAL A 50 5.87 10.99 -13.03
N LYS A 51 5.65 12.20 -13.54
CA LYS A 51 4.81 13.19 -12.81
C LYS A 51 3.36 12.77 -12.69
N PRO A 52 2.66 13.12 -11.59
CA PRO A 52 1.22 12.88 -11.52
C PRO A 52 0.44 13.87 -12.36
N LEU A 53 -0.81 13.51 -12.66
CA LEU A 53 -1.73 14.39 -13.37
C LEU A 53 -2.62 15.06 -12.33
N ILE A 54 -2.08 16.12 -11.72
CA ILE A 54 -2.79 16.88 -10.71
C ILE A 54 -3.87 17.72 -11.38
N LEU A 55 -5.12 17.23 -11.33
CA LEU A 55 -6.23 17.95 -11.97
C LEU A 55 -6.62 19.21 -11.21
N ARG A 56 -6.05 19.45 -10.04
CA ARG A 56 -6.28 20.66 -9.24
C ARG A 56 -7.77 20.72 -8.91
N ASP A 57 -8.45 21.84 -9.14
CA ASP A 57 -9.88 21.96 -8.89
C ASP A 57 -10.73 21.55 -10.08
N CYS A 58 -10.12 20.95 -11.10
CA CYS A 58 -10.84 20.47 -12.27
C CYS A 58 -11.24 19.01 -12.09
N SER A 59 -12.23 18.60 -12.86
CA SER A 59 -12.72 17.22 -12.84
C SER A 59 -12.24 16.50 -14.09
N VAL A 60 -12.46 15.17 -14.10
CA VAL A 60 -12.13 14.38 -15.27
C VAL A 60 -13.01 14.78 -16.45
N ALA A 61 -14.29 15.04 -16.19
CA ALA A 61 -15.19 15.46 -17.26
C ALA A 61 -14.75 16.78 -17.87
N GLY A 62 -14.51 17.80 -17.02
CA GLY A 62 -14.09 19.09 -17.54
C GLY A 62 -12.75 19.03 -18.26
N TRP A 63 -11.85 18.16 -17.79
CA TRP A 63 -10.55 18.02 -18.46
C TRP A 63 -10.72 17.37 -19.83
N LEU A 64 -11.48 16.28 -19.91
CA LEU A 64 -11.65 15.58 -21.18
C LEU A 64 -12.57 16.36 -22.12
N LEU A 65 -13.60 17.01 -21.56
CA LEU A 65 -14.52 17.76 -22.41
C LEU A 65 -13.94 19.10 -22.83
N GLY A 66 -13.03 19.67 -22.04
CA GLY A 66 -12.41 20.93 -22.39
C GLY A 66 -13.08 22.12 -21.73
N ASN A 67 -13.34 22.02 -20.43
CA ASN A 67 -13.89 23.14 -19.69
C ASN A 67 -12.97 24.35 -19.83
N PRO A 68 -13.50 25.53 -20.19
CA PRO A 68 -12.64 26.72 -20.34
C PRO A 68 -11.71 27.00 -19.18
N MET A 69 -12.04 26.55 -17.96
CA MET A 69 -11.13 26.76 -16.83
C MET A 69 -10.06 25.69 -16.75
N CYS A 70 -10.28 24.52 -17.34
CA CYS A 70 -9.31 23.42 -17.33
C CYS A 70 -8.33 23.50 -18.50
N ASP A 71 -8.21 24.67 -19.12
CA ASP A 71 -7.33 24.80 -20.29
C ASP A 71 -5.86 24.57 -19.95
N GLU A 72 -5.54 24.59 -18.65
CA GLU A 72 -4.15 24.30 -18.21
C GLU A 72 -3.76 22.90 -18.70
N PHE A 73 -4.75 22.03 -18.92
CA PHE A 73 -4.44 20.63 -19.28
C PHE A 73 -4.65 20.39 -20.77
N ILE A 74 -4.78 21.45 -21.56
CA ILE A 74 -5.04 21.26 -22.99
C ILE A 74 -4.12 20.19 -23.57
N ASN A 75 -2.90 20.10 -23.06
CA ASN A 75 -1.93 19.09 -23.49
C ASN A 75 -1.24 18.55 -22.26
N VAL A 76 -1.55 17.30 -21.92
CA VAL A 76 -0.97 16.68 -20.69
C VAL A 76 0.08 15.64 -21.11
N PRO A 77 1.18 15.48 -20.36
CA PRO A 77 2.18 14.47 -20.67
C PRO A 77 1.82 13.16 -19.98
N GLU A 78 2.69 12.15 -20.08
CA GLU A 78 2.47 10.87 -19.42
C GLU A 78 2.42 11.06 -17.91
N TRP A 79 1.56 10.30 -17.24
CA TRP A 79 1.39 10.40 -15.80
C TRP A 79 1.46 9.01 -15.18
N SER A 80 1.77 9.00 -13.89
CA SER A 80 1.70 7.77 -13.09
C SER A 80 0.35 7.60 -12.42
N TYR A 81 -0.31 8.70 -12.08
CA TYR A 81 -1.60 8.67 -11.40
C TYR A 81 -2.24 10.05 -11.49
N ILE A 82 -3.55 10.07 -11.66
CA ILE A 82 -4.30 11.33 -11.62
C ILE A 82 -4.57 11.67 -10.16
N VAL A 83 -4.58 12.96 -9.86
CA VAL A 83 -4.99 13.46 -8.54
C VAL A 83 -6.19 14.36 -8.76
N GLU A 84 -7.34 13.95 -8.24
CA GLU A 84 -8.59 14.69 -8.38
C GLU A 84 -9.14 15.02 -7.01
N LYS A 85 -9.55 16.27 -6.81
CA LYS A 85 -10.15 16.68 -5.55
C LYS A 85 -11.50 15.97 -5.37
N ALA A 86 -11.98 15.95 -4.12
CA ALA A 86 -13.24 15.30 -3.83
C ALA A 86 -14.40 16.00 -4.54
N ASN A 87 -14.39 17.33 -4.46
CA ASN A 87 -15.47 18.13 -5.10
C ASN A 87 -14.80 19.17 -5.99
N PRO A 88 -14.30 18.79 -7.18
CA PRO A 88 -13.71 19.76 -8.08
C PRO A 88 -14.83 20.73 -8.48
N VAL A 89 -14.51 22.03 -8.60
CA VAL A 89 -15.55 23.04 -8.93
C VAL A 89 -15.51 23.45 -10.41
N ASN A 90 -14.43 23.13 -11.11
CA ASN A 90 -14.36 23.38 -12.57
C ASN A 90 -14.90 22.11 -13.24
N ASN A 91 -16.22 21.89 -13.19
CA ASN A 91 -16.84 20.67 -13.76
C ASN A 91 -17.73 21.04 -14.94
N LEU A 92 -18.76 20.25 -15.21
CA LEU A 92 -19.72 20.59 -16.29
C LEU A 92 -19.94 22.08 -16.00
N CYS A 93 -19.65 22.92 -17.00
CA CYS A 93 -19.89 24.38 -16.85
C CYS A 93 -21.36 24.50 -17.21
N TYR A 94 -21.76 23.89 -18.34
CA TYR A 94 -23.20 23.88 -18.69
C TYR A 94 -23.82 22.69 -17.98
N PRO A 95 -24.86 22.90 -17.15
CA PRO A 95 -25.46 21.80 -16.38
C PRO A 95 -25.86 20.64 -17.28
N GLY A 96 -25.57 19.43 -16.82
CA GLY A 96 -25.91 18.24 -17.59
C GLY A 96 -25.49 16.95 -16.93
N ASP A 97 -25.20 15.93 -17.73
CA ASP A 97 -24.87 14.61 -17.21
C ASP A 97 -23.89 13.92 -18.15
N PHE A 98 -23.06 13.06 -17.57
CA PHE A 98 -22.10 12.26 -18.31
C PHE A 98 -22.52 10.80 -18.20
N ASN A 99 -22.89 10.20 -19.32
CA ASN A 99 -23.36 8.82 -19.33
C ASN A 99 -22.22 7.89 -18.94
N ASP A 100 -22.39 7.18 -17.83
CA ASP A 100 -21.44 6.16 -17.38
C ASP A 100 -20.06 6.80 -17.16
N TYR A 101 -20.09 7.89 -16.38
CA TYR A 101 -18.88 8.62 -16.02
C TYR A 101 -17.94 7.75 -15.18
N GLU A 102 -18.49 7.09 -14.15
CA GLU A 102 -17.67 6.29 -13.25
C GLU A 102 -17.01 5.13 -13.98
N GLU A 103 -17.72 4.53 -14.95
CA GLU A 103 -17.11 3.49 -15.75
C GLU A 103 -15.94 4.04 -16.56
N LEU A 104 -16.12 5.21 -17.17
CA LEU A 104 -15.03 5.81 -17.94
C LEU A 104 -13.83 6.08 -17.04
N LYS A 105 -14.06 6.45 -15.79
CA LYS A 105 -12.93 6.66 -14.87
C LYS A 105 -12.28 5.33 -14.50
N HIS A 106 -13.06 4.26 -14.41
CA HIS A 106 -12.48 2.92 -14.14
C HIS A 106 -11.58 2.49 -15.29
N LEU A 107 -11.94 2.87 -16.51
CA LEU A 107 -11.11 2.53 -17.69
C LEU A 107 -9.88 3.43 -17.69
N LEU A 108 -10.02 4.64 -17.19
CA LEU A 108 -8.88 5.60 -17.13
C LEU A 108 -7.88 5.08 -16.11
N SER A 109 -8.33 4.29 -15.14
CA SER A 109 -7.38 3.70 -14.21
C SER A 109 -6.35 2.80 -14.88
N ARG A 110 -6.55 2.43 -16.15
CA ARG A 110 -5.64 1.52 -16.84
C ARG A 110 -4.88 2.19 -17.99
N ILE A 111 -4.88 3.51 -18.06
CA ILE A 111 -4.23 4.23 -19.15
C ILE A 111 -3.06 5.03 -18.60
N ASN A 112 -2.06 5.29 -19.46
CA ASN A 112 -0.92 6.07 -19.04
C ASN A 112 -0.39 7.03 -20.10
N HIS A 113 -1.09 7.20 -21.23
CA HIS A 113 -0.98 8.41 -22.04
C HIS A 113 -2.13 8.45 -23.02
N PHE A 114 -2.77 9.63 -23.10
CA PHE A 114 -3.85 9.91 -24.07
C PHE A 114 -3.34 10.97 -25.04
N GLU A 115 -3.60 10.80 -26.34
CA GLU A 115 -3.20 11.81 -27.37
C GLU A 115 -4.46 12.42 -27.99
N LYS A 116 -4.64 13.74 -27.88
CA LYS A 116 -5.89 14.40 -28.38
C LYS A 116 -5.78 14.74 -29.86
N ILE A 117 -6.66 14.16 -30.67
CA ILE A 117 -6.63 14.42 -32.13
C ILE A 117 -7.96 15.02 -32.57
N GLN A 118 -7.91 16.09 -33.35
CA GLN A 118 -9.11 16.69 -33.92
C GLN A 118 -9.75 15.72 -34.91
N ILE A 119 -10.88 15.13 -34.54
CA ILE A 119 -11.54 14.14 -35.45
C ILE A 119 -12.31 14.91 -36.51
N ILE A 120 -13.18 15.82 -36.10
CA ILE A 120 -13.94 16.65 -37.03
C ILE A 120 -13.55 18.09 -36.81
N PRO A 121 -12.97 18.79 -37.83
CA PRO A 121 -12.52 20.16 -37.65
C PRO A 121 -13.71 21.09 -37.38
N LYS A 122 -13.48 22.17 -36.65
CA LYS A 122 -14.59 23.11 -36.35
C LYS A 122 -14.89 23.92 -37.61
N SER A 123 -13.92 24.05 -38.52
CA SER A 123 -14.13 24.78 -39.79
C SER A 123 -14.80 23.84 -40.80
N SER A 124 -14.96 22.58 -40.44
CA SER A 124 -15.67 21.66 -41.32
C SER A 124 -17.19 21.82 -41.28
N TRP A 125 -17.67 22.87 -40.62
CA TRP A 125 -19.10 23.12 -40.48
C TRP A 125 -19.54 24.28 -41.37
N SER A 126 -19.64 23.99 -42.67
CA SER A 126 -20.04 25.02 -43.63
C SER A 126 -21.54 25.28 -43.60
N SER A 127 -22.34 24.25 -43.36
CA SER A 127 -23.79 24.37 -43.36
C SER A 127 -24.36 24.78 -42.02
N HIS A 128 -23.52 24.93 -40.99
CA HIS A 128 -24.02 25.21 -39.65
C HIS A 128 -23.12 26.24 -38.98
N GLU A 129 -23.66 26.92 -37.97
CA GLU A 129 -22.85 27.93 -37.23
C GLU A 129 -21.92 27.22 -36.24
N ALA A 130 -20.62 27.26 -36.49
CA ALA A 130 -19.66 26.55 -35.62
C ALA A 130 -19.31 27.39 -34.39
N SER A 131 -18.80 28.61 -34.61
CA SER A 131 -18.33 29.42 -33.46
C SER A 131 -19.47 30.27 -32.89
N LEU A 132 -20.68 29.73 -32.87
CA LEU A 132 -21.81 30.46 -32.24
C LEU A 132 -22.22 29.71 -30.98
N GLY A 133 -21.69 28.49 -30.81
CA GLY A 133 -22.02 27.67 -29.65
C GLY A 133 -21.23 28.06 -28.41
N VAL A 134 -21.50 29.26 -27.87
CA VAL A 134 -20.82 29.73 -26.64
C VAL A 134 -21.92 30.01 -25.61
N SER A 135 -21.59 29.96 -24.32
CA SER A 135 -22.69 30.10 -23.31
C SER A 135 -22.15 30.92 -22.13
N SER A 136 -23.06 31.49 -21.34
CA SER A 136 -22.60 32.30 -20.18
C SER A 136 -22.24 31.41 -19.01
N ALA A 137 -22.76 30.18 -18.97
CA ALA A 137 -22.38 29.23 -17.90
C ALA A 137 -20.98 28.67 -18.11
N CYS A 138 -20.42 28.84 -19.31
CA CYS A 138 -19.02 28.40 -19.59
C CYS A 138 -18.28 29.69 -19.93
N PRO A 139 -17.51 30.28 -18.99
CA PRO A 139 -16.88 31.57 -19.23
C PRO A 139 -15.44 31.14 -19.56
N TYR A 140 -14.85 31.69 -20.62
CA TYR A 140 -13.41 31.41 -20.85
C TYR A 140 -13.13 32.90 -20.77
N GLN A 141 -12.30 33.33 -19.82
CA GLN A 141 -11.82 34.74 -19.77
C GLN A 141 -12.95 35.78 -19.72
N GLY A 142 -13.75 35.83 -18.66
CA GLY A 142 -14.75 36.91 -18.52
C GLY A 142 -15.42 37.29 -19.84
N LYS A 143 -15.83 36.30 -20.63
CA LYS A 143 -16.57 36.59 -21.89
C LYS A 143 -17.15 35.17 -21.85
N SER A 144 -17.88 34.78 -22.88
CA SER A 144 -18.53 33.45 -22.88
C SER A 144 -17.83 32.45 -23.80
N SER A 145 -18.08 31.16 -23.59
CA SER A 145 -17.44 30.12 -24.42
C SER A 145 -18.05 28.77 -24.06
N PHE A 146 -17.48 27.69 -24.58
CA PHE A 146 -17.97 26.34 -24.32
C PHE A 146 -16.82 25.35 -24.13
N PHE A 147 -17.18 24.07 -24.00
CA PHE A 147 -16.18 23.02 -23.94
C PHE A 147 -15.33 23.05 -25.20
N ARG A 148 -14.01 22.99 -25.06
CA ARG A 148 -13.13 23.15 -26.25
C ARG A 148 -13.16 21.92 -27.17
N ASN A 149 -13.14 20.72 -26.60
CA ASN A 149 -13.07 19.53 -27.43
C ASN A 149 -14.40 19.17 -28.09
N VAL A 150 -15.40 20.01 -27.88
CA VAL A 150 -16.75 19.73 -28.43
C VAL A 150 -17.31 21.01 -29.03
N VAL A 151 -18.17 20.91 -30.05
CA VAL A 151 -18.69 22.07 -30.76
C VAL A 151 -20.19 22.15 -30.56
N TRP A 152 -20.69 23.34 -30.23
CA TRP A 152 -22.12 23.57 -30.05
C TRP A 152 -22.68 24.11 -31.36
N LEU A 153 -23.02 23.18 -32.26
CA LEU A 153 -23.51 23.56 -33.57
C LEU A 153 -24.87 24.24 -33.49
N ILE A 154 -25.08 25.22 -34.36
CA ILE A 154 -26.28 26.05 -34.35
C ILE A 154 -26.67 26.33 -35.79
N LYS A 155 -27.98 26.51 -36.02
CA LYS A 155 -28.50 26.72 -37.37
C LYS A 155 -27.85 27.92 -38.04
N LYS A 156 -27.66 27.80 -39.36
CA LYS A 156 -27.17 28.87 -40.20
C LYS A 156 -28.33 29.52 -40.93
N ASN A 157 -28.29 30.86 -40.96
CA ASN A 157 -29.44 31.62 -41.51
C ASN A 157 -30.64 31.18 -40.66
N SER A 158 -31.57 30.48 -41.29
CA SER A 158 -32.69 29.89 -40.58
C SER A 158 -32.91 28.45 -41.03
N THR A 159 -31.79 27.79 -41.37
CA THR A 159 -31.84 26.39 -41.86
C THR A 159 -30.80 25.53 -41.14
N TYR A 160 -31.22 24.44 -40.51
CA TYR A 160 -30.28 23.50 -39.86
C TYR A 160 -30.34 22.17 -40.63
N PRO A 161 -29.48 21.97 -41.65
CA PRO A 161 -29.54 20.76 -42.46
C PRO A 161 -29.19 19.50 -41.67
N THR A 162 -29.43 18.33 -42.28
CA THR A 162 -29.13 17.05 -41.61
C THR A 162 -27.63 16.79 -41.67
N ILE A 163 -26.98 16.70 -40.51
CA ILE A 163 -25.55 16.40 -40.43
C ILE A 163 -25.36 14.90 -40.59
N LYS A 164 -24.48 14.52 -41.51
CA LYS A 164 -24.19 13.09 -41.73
C LYS A 164 -22.66 12.94 -41.84
N ARG A 165 -21.95 12.96 -40.71
CA ARG A 165 -20.47 12.88 -40.73
C ARG A 165 -20.01 11.49 -40.30
N SER A 166 -18.80 11.09 -40.70
CA SER A 166 -18.28 9.74 -40.36
C SER A 166 -16.75 9.78 -40.21
N TYR A 167 -16.21 9.13 -39.17
CA TYR A 167 -14.73 9.05 -39.00
C TYR A 167 -14.28 7.60 -38.79
N ASN A 168 -13.25 7.16 -39.52
CA ASN A 168 -12.72 5.78 -39.40
C ASN A 168 -11.42 5.78 -38.59
N ASN A 169 -11.30 4.88 -37.61
CA ASN A 169 -10.08 4.79 -36.76
C ASN A 169 -9.10 4.22 -37.79
N THR A 170 -8.34 5.09 -38.43
CA THR A 170 -7.30 4.61 -39.36
C THR A 170 -6.16 4.33 -38.38
N ASN A 171 -6.30 4.81 -37.14
CA ASN A 171 -5.21 4.63 -36.16
C ASN A 171 -5.27 3.22 -35.58
N GLN A 172 -4.12 2.64 -35.33
CA GLN A 172 -4.04 1.31 -34.71
C GLN A 172 -4.39 1.34 -33.23
N GLU A 173 -4.32 2.49 -32.58
CA GLU A 173 -4.75 2.58 -31.20
C GLU A 173 -6.24 2.90 -31.13
N ASP A 174 -6.89 2.41 -30.10
CA ASP A 174 -8.30 2.70 -29.88
C ASP A 174 -8.51 4.19 -29.64
N LEU A 175 -9.70 4.67 -29.99
CA LEU A 175 -10.04 6.08 -29.87
C LEU A 175 -11.15 6.27 -28.85
N LEU A 176 -11.15 7.41 -28.18
CA LEU A 176 -12.21 7.77 -27.24
C LEU A 176 -13.02 8.89 -27.87
N VAL A 177 -14.28 8.61 -28.22
CA VAL A 177 -15.14 9.57 -28.90
C VAL A 177 -16.23 10.00 -27.93
N LEU A 178 -16.43 11.32 -27.87
CA LEU A 178 -17.40 11.88 -26.90
C LEU A 178 -18.28 12.92 -27.61
N TRP A 179 -19.59 12.85 -27.39
CA TRP A 179 -20.54 13.79 -28.02
C TRP A 179 -21.51 14.29 -26.96
N GLY A 180 -22.67 14.78 -27.37
CA GLY A 180 -23.62 15.35 -26.39
C GLY A 180 -24.93 15.80 -26.99
N ILE A 181 -25.91 16.12 -26.14
CA ILE A 181 -27.24 16.59 -26.59
C ILE A 181 -27.69 17.75 -25.71
N HIS A 182 -28.08 18.86 -26.32
CA HIS A 182 -28.69 19.95 -25.57
C HIS A 182 -30.18 19.67 -25.41
N HIS A 183 -30.67 19.80 -24.18
CA HIS A 183 -32.09 19.66 -23.87
C HIS A 183 -32.62 21.01 -23.45
N PRO A 184 -33.39 21.69 -24.29
CA PRO A 184 -33.78 23.08 -24.03
C PRO A 184 -35.08 23.19 -23.22
N ASN A 185 -35.38 24.43 -22.82
CA ASN A 185 -36.54 24.65 -21.91
C ASN A 185 -37.86 24.73 -22.66
N ASP A 186 -37.88 25.33 -23.86
CA ASP A 186 -39.13 25.48 -24.59
C ASP A 186 -38.88 25.21 -26.07
N ALA A 187 -39.98 24.96 -26.79
CA ALA A 187 -39.88 24.74 -28.23
C ALA A 187 -39.40 25.99 -28.96
N ALA A 188 -39.61 27.17 -28.37
CA ALA A 188 -39.07 28.40 -28.96
C ALA A 188 -37.55 28.40 -28.93
N GLU A 189 -36.96 27.98 -27.81
CA GLU A 189 -35.51 27.83 -27.75
C GLU A 189 -35.02 26.82 -28.78
N GLN A 190 -35.73 25.69 -28.89
CA GLN A 190 -35.46 24.68 -29.91
C GLN A 190 -35.35 25.32 -31.29
N THR A 191 -36.47 25.88 -31.77
CA THR A 191 -36.50 26.46 -33.11
C THR A 191 -35.56 27.67 -33.25
N LYS A 192 -35.18 28.26 -32.12
CA LYS A 192 -34.26 29.42 -32.16
C LYS A 192 -32.84 28.92 -32.47
N LEU A 193 -32.42 27.85 -31.80
CA LEU A 193 -31.05 27.33 -32.01
C LEU A 193 -31.06 26.35 -33.19
N TYR A 194 -32.08 25.50 -33.26
CA TYR A 194 -32.19 24.49 -34.35
C TYR A 194 -33.55 24.67 -35.00
N GLN A 195 -33.63 25.23 -36.20
CA GLN A 195 -34.95 25.52 -36.81
C GLN A 195 -35.89 24.32 -36.64
N ASN A 196 -35.47 23.15 -37.10
CA ASN A 196 -36.33 21.95 -37.06
C ASN A 196 -36.90 21.70 -35.66
N PRO A 197 -38.23 21.55 -35.48
CA PRO A 197 -38.79 21.41 -34.13
C PRO A 197 -38.59 20.03 -33.51
N THR A 198 -38.79 18.98 -34.30
CA THR A 198 -38.57 17.62 -33.85
C THR A 198 -37.16 17.19 -34.28
N THR A 199 -36.34 16.82 -33.31
CA THR A 199 -34.92 16.60 -33.53
C THR A 199 -34.49 15.22 -33.06
N TYR A 200 -33.43 14.70 -33.68
CA TYR A 200 -32.91 13.38 -33.34
C TYR A 200 -31.41 13.37 -33.52
N ILE A 201 -30.76 12.43 -32.84
CA ILE A 201 -29.32 12.20 -32.94
C ILE A 201 -29.11 10.71 -33.12
N SER A 202 -28.37 10.34 -34.16
CA SER A 202 -28.18 8.93 -34.51
C SER A 202 -26.68 8.65 -34.54
N VAL A 203 -26.21 7.89 -33.55
CA VAL A 203 -24.77 7.51 -33.48
C VAL A 203 -24.71 6.00 -33.73
N GLY A 204 -23.81 5.59 -34.62
CA GLY A 204 -23.75 4.16 -34.99
C GLY A 204 -22.33 3.64 -35.10
N THR A 205 -22.05 2.52 -34.45
CA THR A 205 -20.74 1.86 -34.55
C THR A 205 -21.04 0.37 -34.70
N SER A 206 -20.03 -0.48 -34.63
CA SER A 206 -20.29 -1.91 -34.68
C SER A 206 -21.01 -2.38 -33.43
N THR A 207 -20.76 -1.74 -32.29
CA THR A 207 -21.36 -2.11 -31.02
C THR A 207 -22.32 -1.03 -30.50
N LEU A 208 -22.64 -0.05 -31.32
CA LEU A 208 -23.46 1.08 -30.88
C LEU A 208 -24.60 1.31 -31.86
N ASN A 209 -25.81 1.47 -31.30
CA ASN A 209 -27.00 1.84 -32.08
C ASN A 209 -27.77 2.84 -31.21
N GLN A 210 -27.59 4.12 -31.50
CA GLN A 210 -27.96 5.17 -30.56
C GLN A 210 -28.91 6.14 -31.24
N ARG A 211 -30.15 6.22 -30.72
CA ARG A 211 -31.18 7.10 -31.25
C ARG A 211 -31.66 8.02 -30.11
N LEU A 212 -30.96 9.14 -29.95
CA LEU A 212 -31.26 10.11 -28.92
C LEU A 212 -32.27 11.13 -29.40
N VAL A 213 -33.12 11.57 -28.48
CA VAL A 213 -34.11 12.60 -28.78
C VAL A 213 -34.13 13.60 -27.62
N PRO A 214 -34.03 14.90 -27.91
CA PRO A 214 -33.97 15.89 -26.82
C PRO A 214 -35.23 15.89 -25.99
N ARG A 215 -35.07 16.09 -24.69
CA ARG A 215 -36.16 16.10 -23.72
C ARG A 215 -36.36 17.54 -23.24
N ILE A 216 -37.49 18.13 -23.63
CA ILE A 216 -37.78 19.55 -23.26
C ILE A 216 -38.64 19.56 -21.99
N ALA A 217 -38.19 20.26 -20.96
CA ALA A 217 -38.93 20.27 -19.68
C ALA A 217 -38.61 21.54 -18.89
N THR A 218 -39.51 21.91 -17.98
CA THR A 218 -39.29 23.14 -17.15
C THR A 218 -38.30 22.81 -16.05
N ARG A 219 -37.01 22.73 -16.39
CA ARG A 219 -35.98 22.49 -15.39
C ARG A 219 -35.53 23.84 -14.83
N SER A 220 -34.50 23.83 -14.00
CA SER A 220 -34.11 25.03 -13.28
C SER A 220 -32.73 25.55 -13.66
N LYS A 221 -32.54 26.85 -13.41
CA LYS A 221 -31.32 27.55 -13.78
C LYS A 221 -30.19 27.14 -12.83
N VAL A 222 -29.69 25.92 -13.07
CA VAL A 222 -28.43 25.50 -12.46
C VAL A 222 -27.29 26.09 -13.28
N ASN A 223 -26.37 26.78 -12.61
CA ASN A 223 -25.35 27.58 -13.28
C ASN A 223 -25.98 28.64 -14.17
N GLY A 224 -27.19 29.10 -13.81
CA GLY A 224 -27.91 30.08 -14.58
C GLY A 224 -28.55 29.57 -15.85
N GLN A 225 -28.63 28.25 -16.04
CA GLN A 225 -29.17 27.67 -17.26
C GLN A 225 -30.19 26.59 -16.89
N SER A 226 -31.41 26.74 -17.41
CA SER A 226 -32.43 25.71 -17.21
C SER A 226 -32.29 24.56 -18.19
N GLY A 227 -31.60 24.76 -19.32
CA GLY A 227 -31.34 23.67 -20.22
C GLY A 227 -30.24 22.75 -19.72
N ARG A 228 -30.25 21.53 -20.23
CA ARG A 228 -29.28 20.52 -19.81
C ARG A 228 -28.43 20.09 -21.00
N MET A 229 -27.33 19.39 -20.71
CA MET A 229 -26.44 18.88 -21.74
C MET A 229 -25.96 17.50 -21.33
N GLU A 230 -26.54 16.48 -21.98
CA GLU A 230 -26.17 15.09 -21.68
C GLU A 230 -25.03 14.67 -22.58
N PHE A 231 -23.95 14.14 -21.99
CA PHE A 231 -22.76 13.76 -22.74
C PHE A 231 -22.60 12.24 -22.75
N PHE A 232 -22.21 11.71 -23.91
CA PHE A 232 -22.06 10.29 -24.13
C PHE A 232 -20.67 10.02 -24.70
N TRP A 233 -20.21 8.78 -24.54
CA TRP A 233 -18.87 8.40 -24.96
C TRP A 233 -18.87 6.95 -25.42
N THR A 234 -17.84 6.64 -26.21
CA THR A 234 -17.64 5.23 -26.66
C THR A 234 -16.20 5.08 -27.13
N ILE A 235 -15.78 3.83 -27.26
CA ILE A 235 -14.40 3.49 -27.70
C ILE A 235 -14.45 2.95 -29.12
N LEU A 236 -13.62 3.48 -30.00
CA LEU A 236 -13.55 3.08 -31.40
C LEU A 236 -12.35 2.16 -31.59
N LYS A 237 -12.65 0.94 -32.03
CA LYS A 237 -11.58 -0.03 -32.32
C LYS A 237 -10.90 0.41 -33.61
N PRO A 238 -9.61 0.09 -33.84
CA PRO A 238 -8.98 0.35 -35.14
C PRO A 238 -9.79 -0.32 -36.26
N ASN A 239 -9.58 0.15 -37.49
CA ASN A 239 -10.30 -0.39 -38.63
C ASN A 239 -11.80 -0.36 -38.35
N ASP A 240 -12.27 0.79 -37.87
CA ASP A 240 -13.61 0.92 -37.31
C ASP A 240 -13.99 2.39 -37.27
N ALA A 241 -15.24 2.65 -37.62
CA ALA A 241 -15.67 4.05 -37.76
C ALA A 241 -16.96 4.37 -37.00
N ILE A 242 -17.13 5.66 -36.69
CA ILE A 242 -18.36 6.13 -36.00
C ILE A 242 -19.12 7.03 -36.97
N ASN A 243 -20.43 6.84 -37.07
CA ASN A 243 -21.30 7.62 -37.94
C ASN A 243 -22.26 8.45 -37.09
N PHE A 244 -22.28 9.76 -37.32
CA PHE A 244 -23.19 10.69 -36.69
C PHE A 244 -24.17 11.23 -37.71
N GLU A 245 -25.45 11.28 -37.34
CA GLU A 245 -26.50 11.85 -38.18
C GLU A 245 -27.49 12.58 -37.27
N SER A 246 -27.55 13.90 -37.38
CA SER A 246 -28.37 14.67 -36.45
C SER A 246 -28.98 15.88 -37.13
N ASN A 247 -30.17 16.27 -36.66
CA ASN A 247 -30.87 17.45 -37.17
C ASN A 247 -31.12 18.50 -36.12
N GLY A 248 -30.49 18.41 -34.96
CA GLY A 248 -30.65 19.42 -33.94
C GLY A 248 -30.19 18.94 -32.59
N ASN A 249 -29.87 19.90 -31.73
CA ASN A 249 -29.41 19.65 -30.36
C ASN A 249 -28.20 18.71 -30.33
N PHE A 250 -27.30 18.91 -31.30
CA PHE A 250 -26.15 18.03 -31.47
C PHE A 250 -24.88 18.78 -31.06
N ILE A 251 -24.13 18.19 -30.13
CA ILE A 251 -22.84 18.71 -29.71
C ILE A 251 -21.78 17.83 -30.37
N ALA A 252 -21.11 18.39 -31.37
CA ALA A 252 -20.29 17.61 -32.30
C ALA A 252 -18.91 17.35 -31.72
N PRO A 253 -18.40 16.11 -31.83
CA PRO A 253 -17.05 15.82 -31.33
C PRO A 253 -15.97 16.45 -32.19
N GLU A 254 -15.29 17.47 -31.66
CA GLU A 254 -14.15 18.04 -32.39
C GLU A 254 -12.88 17.23 -32.12
N TYR A 255 -12.39 17.26 -30.89
CA TYR A 255 -11.19 16.53 -30.50
C TYR A 255 -11.56 15.17 -29.93
N ALA A 256 -10.65 14.21 -30.11
CA ALA A 256 -10.82 12.89 -29.53
C ALA A 256 -9.45 12.38 -29.06
N TYR A 257 -9.49 11.57 -27.99
CA TYR A 257 -8.22 11.12 -27.39
C TYR A 257 -7.92 9.68 -27.79
N LYS A 258 -6.65 9.38 -28.08
CA LYS A 258 -6.24 8.00 -28.41
C LYS A 258 -5.55 7.39 -27.19
N ILE A 259 -5.67 6.08 -27.02
CA ILE A 259 -4.98 5.41 -25.88
C ILE A 259 -3.59 5.00 -26.34
N VAL A 260 -2.64 5.96 -26.37
CA VAL A 260 -1.27 5.67 -26.82
C VAL A 260 -0.50 4.87 -25.77
N LYS A 261 -0.79 5.07 -24.48
CA LYS A 261 -0.11 4.29 -23.44
C LYS A 261 -1.15 3.72 -22.47
N LYS A 262 -1.25 2.40 -22.43
CA LYS A 262 -2.22 1.72 -21.57
C LYS A 262 -1.44 0.93 -20.51
N GLY A 263 -0.98 1.67 -19.50
CA GLY A 263 -0.24 1.05 -18.41
C GLY A 263 -1.07 0.86 -17.17
N ASP A 264 -0.53 1.25 -16.01
CA ASP A 264 -1.23 1.13 -14.73
C ASP A 264 -1.25 2.49 -14.06
N SER A 265 -2.44 2.93 -13.64
CA SER A 265 -2.60 4.23 -12.98
C SER A 265 -3.76 4.13 -12.00
N THR A 266 -4.03 5.25 -11.31
CA THR A 266 -5.13 5.33 -10.37
C THR A 266 -5.70 6.74 -10.39
N ILE A 267 -6.85 6.91 -9.73
CA ILE A 267 -7.45 8.22 -9.47
C ILE A 267 -7.36 8.46 -7.97
N MET A 268 -6.49 9.36 -7.56
CA MET A 268 -6.25 9.65 -6.14
C MET A 268 -7.16 10.79 -5.72
N LYS A 269 -8.13 10.49 -4.85
CA LYS A 269 -8.99 11.51 -4.27
C LYS A 269 -8.24 12.16 -3.12
N SER A 270 -7.47 13.20 -3.45
CA SER A 270 -6.63 13.88 -2.47
C SER A 270 -6.61 15.36 -2.76
N GLU A 271 -6.45 16.16 -1.70
CA GLU A 271 -6.39 17.60 -1.81
C GLU A 271 -4.97 18.14 -1.73
N LEU A 272 -3.96 17.27 -1.83
CA LEU A 272 -2.57 17.71 -1.77
C LEU A 272 -2.15 18.31 -3.11
N GLU A 273 -0.89 18.74 -3.18
CA GLU A 273 -0.33 19.34 -4.38
C GLU A 273 1.04 18.75 -4.64
N TYR A 274 1.52 18.95 -5.87
CA TYR A 274 2.83 18.43 -6.25
C TYR A 274 3.93 19.12 -5.46
N GLY A 275 4.86 18.33 -4.92
CA GLY A 275 5.87 18.87 -4.03
C GLY A 275 7.30 18.75 -4.53
N ASN A 276 7.46 18.52 -5.84
CA ASN A 276 8.77 18.42 -6.51
C ASN A 276 9.60 17.30 -5.89
N CYS A 277 9.14 16.07 -6.13
CA CYS A 277 9.71 14.90 -5.47
C CYS A 277 9.49 13.67 -6.34
N ASN A 278 10.06 12.56 -5.87
CA ASN A 278 9.89 11.26 -6.53
C ASN A 278 9.99 10.18 -5.47
N THR A 279 9.02 9.27 -5.44
CA THR A 279 8.98 8.19 -4.47
C THR A 279 8.54 6.91 -5.17
N LYS A 280 8.73 5.79 -4.47
CA LYS A 280 8.30 4.50 -4.99
C LYS A 280 6.91 4.10 -4.52
N CYS A 281 6.38 4.75 -3.49
CA CYS A 281 5.05 4.48 -2.97
C CYS A 281 4.35 5.80 -2.73
N GLN A 282 3.11 5.92 -3.22
CA GLN A 282 2.33 7.14 -3.05
C GLN A 282 0.96 6.80 -2.49
N THR A 283 0.52 7.59 -1.51
CA THR A 283 -0.76 7.49 -0.85
C THR A 283 -1.51 8.82 -0.98
N PRO A 284 -2.82 8.82 -0.74
CA PRO A 284 -3.55 10.11 -0.73
C PRO A 284 -3.11 11.03 0.40
N MET A 285 -2.44 10.48 1.41
CA MET A 285 -2.04 11.32 2.56
C MET A 285 -0.56 11.72 2.42
N GLY A 286 0.20 11.02 1.58
CA GLY A 286 1.59 11.38 1.36
C GLY A 286 2.30 10.30 0.56
N ALA A 287 3.62 10.27 0.71
CA ALA A 287 4.45 9.27 0.05
C ALA A 287 5.26 8.50 1.07
N ILE A 288 5.50 7.23 0.78
CA ILE A 288 6.18 6.32 1.70
C ILE A 288 7.42 5.76 1.02
N ASN A 289 8.54 5.73 1.75
CA ASN A 289 9.78 5.10 1.30
C ASN A 289 10.30 4.24 2.45
N SER A 290 9.63 3.10 2.66
CA SER A 290 9.90 2.24 3.81
C SER A 290 10.13 0.82 3.34
N SER A 291 11.19 0.19 3.86
CA SER A 291 11.43 -1.22 3.62
C SER A 291 10.58 -2.12 4.50
N MET A 292 9.88 -1.56 5.49
CA MET A 292 9.01 -2.37 6.33
C MET A 292 7.87 -2.94 5.51
N PRO A 293 7.48 -4.20 5.76
CA PRO A 293 6.47 -4.83 4.90
C PRO A 293 5.07 -4.28 5.09
N PHE A 294 4.80 -3.61 6.20
CA PHE A 294 3.41 -3.15 6.45
C PHE A 294 3.34 -1.64 6.60
N HIS A 295 2.12 -1.08 6.49
CA HIS A 295 1.93 0.38 6.65
C HIS A 295 0.52 0.64 7.19
N ASN A 296 0.29 1.84 7.72
CA ASN A 296 -1.03 2.18 8.30
C ASN A 296 -1.50 3.55 7.81
N ILE A 297 -1.08 3.97 6.62
CA ILE A 297 -1.40 5.34 6.21
C ILE A 297 -2.76 5.38 5.55
N HIS A 298 -2.90 4.71 4.40
CA HIS A 298 -4.13 4.79 3.65
C HIS A 298 -4.34 3.48 2.90
N PRO A 299 -5.56 2.96 2.87
CA PRO A 299 -5.82 1.68 2.20
C PRO A 299 -5.59 1.73 0.70
N LEU A 300 -5.63 2.91 0.08
CA LEU A 300 -5.45 3.06 -1.36
C LEU A 300 -4.05 3.59 -1.63
N THR A 301 -3.21 2.77 -2.24
CA THR A 301 -1.83 3.13 -2.53
C THR A 301 -1.51 2.87 -3.99
N ILE A 302 -0.44 3.49 -4.48
CA ILE A 302 0.02 3.30 -5.84
C ILE A 302 1.53 3.15 -5.85
N GLY A 303 2.04 2.23 -6.65
CA GLY A 303 3.45 1.97 -6.76
C GLY A 303 3.90 0.82 -5.88
N GLU A 304 5.22 0.65 -5.83
CA GLU A 304 5.83 -0.32 -4.92
C GLU A 304 5.45 0.20 -3.56
N CYS A 305 4.55 -0.52 -2.89
CA CYS A 305 4.03 -0.02 -1.60
C CYS A 305 3.97 -1.15 -0.59
N PRO A 306 4.02 -0.85 0.73
CA PRO A 306 3.87 -1.87 1.75
C PRO A 306 2.41 -2.31 1.81
N LYS A 307 2.12 -3.37 2.56
CA LYS A 307 0.71 -3.79 2.76
C LYS A 307 0.09 -2.90 3.83
N TYR A 308 -1.21 -2.73 3.75
CA TYR A 308 -1.94 -1.86 4.65
C TYR A 308 -2.69 -2.67 5.68
N VAL A 309 -2.51 -2.31 6.96
CA VAL A 309 -3.28 -2.87 8.06
C VAL A 309 -3.80 -1.72 8.90
N LYS A 310 -5.00 -1.89 9.48
CA LYS A 310 -5.62 -0.83 10.33
C LYS A 310 -5.15 -1.01 11.76
N SER A 311 -3.84 -1.21 11.94
CA SER A 311 -3.25 -1.41 13.27
C SER A 311 -2.32 -0.26 13.62
N ASN A 312 -2.04 -0.09 14.92
CA ASN A 312 -1.21 1.04 15.39
C ASN A 312 0.19 0.55 15.82
N ARG A 313 0.31 -0.72 16.22
CA ARG A 313 1.60 -1.24 16.68
C ARG A 313 1.78 -2.65 16.13
N LEU A 314 2.94 -2.90 15.53
CA LEU A 314 3.28 -4.22 15.00
C LEU A 314 4.79 -4.37 15.11
N VAL A 315 5.24 -5.10 16.14
CA VAL A 315 6.66 -5.35 16.39
C VAL A 315 6.84 -6.84 16.64
N LEU A 316 7.81 -7.44 15.96
CA LEU A 316 8.16 -8.85 16.13
C LEU A 316 9.33 -8.97 17.09
N ALA A 317 9.20 -9.86 18.08
CA ALA A 317 10.25 -10.10 19.05
C ALA A 317 11.28 -11.07 18.47
N THR A 318 12.53 -10.63 18.41
CA THR A 318 13.61 -11.43 17.79
C THR A 318 14.60 -11.90 18.86
N GLY A 319 14.52 -11.31 20.06
CA GLY A 319 15.42 -11.69 21.15
C GLY A 319 14.65 -12.18 22.35
N LEU A 320 15.25 -12.13 23.54
CA LEU A 320 14.61 -12.71 24.74
C LEU A 320 14.27 -11.62 25.75
N ARG A 321 13.61 -12.01 26.83
CA ARG A 321 13.19 -11.02 27.85
C ARG A 321 14.42 -10.33 28.44
N ASN A 322 14.41 -9.00 28.51
CA ASN A 322 15.55 -8.22 29.04
C ASN A 322 15.36 -7.99 30.54
N SER A 323 16.43 -8.08 31.30
CA SER A 323 16.43 -7.98 32.76
C SER A 323 15.65 -6.76 33.26
N GLY B 1 9.44 -19.21 31.77
CA GLY B 1 8.27 -19.38 30.94
C GLY B 1 7.71 -20.79 30.99
N LEU B 2 7.50 -21.39 29.82
CA LEU B 2 7.05 -22.77 29.78
C LEU B 2 8.10 -23.73 30.30
N PHE B 3 9.37 -23.38 30.18
CA PHE B 3 10.46 -24.26 30.58
C PHE B 3 11.10 -23.84 31.90
N GLY B 4 10.62 -22.76 32.52
CA GLY B 4 11.06 -22.34 33.83
C GLY B 4 12.47 -21.80 33.91
N ALA B 5 13.15 -21.64 32.77
CA ALA B 5 14.54 -21.18 32.78
C ALA B 5 14.78 -19.68 32.82
N ILE B 6 14.23 -18.95 31.86
CA ILE B 6 14.37 -17.46 31.87
C ILE B 6 13.33 -16.91 32.84
N ALA B 7 13.73 -16.05 33.77
CA ALA B 7 12.81 -15.46 34.77
C ALA B 7 12.41 -16.51 35.80
N GLY B 8 13.01 -17.70 35.73
CA GLY B 8 12.71 -18.75 36.69
C GLY B 8 13.86 -19.01 37.63
N PHE B 9 14.47 -20.19 37.54
CA PHE B 9 15.63 -20.47 38.39
C PHE B 9 16.85 -19.68 37.97
N ILE B 10 16.78 -19.04 36.80
CA ILE B 10 17.83 -18.06 36.40
C ILE B 10 17.04 -16.75 36.42
N GLU B 11 16.96 -16.09 37.57
CA GLU B 11 16.06 -14.91 37.73
C GLU B 11 16.52 -13.63 37.03
N GLY B 12 17.71 -13.63 36.46
CA GLY B 12 18.19 -12.39 35.87
C GLY B 12 19.03 -12.64 34.63
N GLY B 13 19.38 -11.54 33.97
CA GLY B 13 20.21 -11.61 32.79
C GLY B 13 21.60 -11.04 33.00
N TRP B 14 22.53 -11.37 32.12
CA TRP B 14 23.91 -10.93 32.23
C TRP B 14 24.17 -9.82 31.23
N GLN B 15 24.27 -8.59 31.73
CA GLN B 15 24.63 -7.47 30.86
C GLN B 15 26.07 -7.57 30.38
N GLY B 16 26.90 -8.22 31.21
CA GLY B 16 28.30 -8.46 30.84
C GLY B 16 28.43 -9.49 29.73
N MET B 17 27.45 -10.39 29.61
CA MET B 17 27.47 -11.32 28.44
C MET B 17 27.21 -10.43 27.22
N VAL B 18 28.08 -10.48 26.22
CA VAL B 18 27.93 -9.52 25.09
C VAL B 18 27.94 -10.26 23.75
N ASP B 19 28.61 -11.41 23.68
CA ASP B 19 28.75 -12.10 22.37
C ASP B 19 27.63 -13.12 22.09
N GLY B 20 26.60 -13.20 22.92
CA GLY B 20 25.58 -14.24 22.66
C GLY B 20 24.33 -14.09 23.49
N TRP B 21 23.26 -14.78 23.12
CA TRP B 21 22.01 -14.77 23.93
C TRP B 21 22.17 -15.74 25.10
N TYR B 22 22.69 -16.93 24.80
CA TYR B 22 22.87 -17.97 25.83
C TYR B 22 24.36 -18.22 26.01
N GLY B 23 24.78 -18.63 27.22
CA GLY B 23 26.19 -18.95 27.47
C GLY B 23 26.49 -19.26 28.92
N TYR B 24 27.76 -19.18 29.33
CA TYR B 24 28.13 -19.59 30.70
C TYR B 24 28.95 -18.54 31.45
N HIS B 25 28.94 -18.59 32.78
CA HIS B 25 29.79 -17.68 33.59
C HIS B 25 30.67 -18.54 34.49
N HIS B 26 31.97 -18.44 34.32
CA HIS B 26 32.90 -19.24 35.11
C HIS B 26 33.53 -18.40 36.19
N SER B 27 33.93 -19.07 37.27
CA SER B 27 34.55 -18.42 38.42
C SER B 27 35.50 -19.37 39.14
N ASN B 28 36.63 -19.69 38.51
CA ASN B 28 37.58 -20.63 39.09
C ASN B 28 38.65 -19.88 39.89
N GLU B 29 39.69 -20.59 40.32
CA GLU B 29 40.76 -19.96 41.09
C GLU B 29 41.53 -18.94 40.26
N GLN B 30 41.52 -19.07 38.94
CA GLN B 30 42.33 -18.22 38.08
C GLN B 30 41.60 -16.97 37.63
N GLY B 31 40.27 -17.00 37.56
CA GLY B 31 39.54 -15.82 37.16
C GLY B 31 38.05 -16.09 37.09
N SER B 32 37.30 -15.05 36.73
CA SER B 32 35.86 -15.13 36.56
C SER B 32 35.48 -14.34 35.32
N GLY B 33 34.62 -14.93 34.50
CA GLY B 33 34.26 -14.28 33.25
C GLY B 33 33.03 -14.89 32.61
N TYR B 34 32.63 -14.30 31.49
CA TYR B 34 31.46 -14.71 30.73
C TYR B 34 31.90 -15.24 29.37
N ALA B 35 31.41 -16.43 29.01
CA ALA B 35 31.59 -16.98 27.68
C ALA B 35 30.21 -17.29 27.10
N ALA B 36 30.13 -17.31 25.77
CA ALA B 36 28.87 -17.50 25.07
C ALA B 36 28.91 -18.78 24.26
N ASP B 37 27.87 -19.61 24.43
CA ASP B 37 27.71 -20.81 23.61
C ASP B 37 27.33 -20.38 22.20
N LYS B 38 28.29 -20.42 21.28
CA LYS B 38 28.05 -19.92 19.94
C LYS B 38 27.09 -20.80 19.15
N GLU B 39 27.05 -22.10 19.46
CA GLU B 39 26.20 -23.01 18.69
C GLU B 39 24.72 -22.69 18.91
N SER B 40 24.28 -22.66 20.17
CA SER B 40 22.87 -22.42 20.46
C SER B 40 22.45 -21.02 20.02
N THR B 41 23.35 -20.05 20.19
CA THR B 41 23.03 -18.66 19.80
C THR B 41 22.84 -18.58 18.29
N GLN B 42 23.76 -19.16 17.52
CA GLN B 42 23.58 -19.17 16.05
C GLN B 42 22.27 -19.87 15.71
N LYS B 43 22.09 -21.12 16.18
CA LYS B 43 20.86 -21.87 15.83
C LYS B 43 19.64 -20.96 16.08
N ALA B 44 19.64 -20.24 17.19
CA ALA B 44 18.53 -19.34 17.48
C ALA B 44 18.47 -18.19 16.48
N ILE B 45 19.63 -17.60 16.15
CA ILE B 45 19.68 -16.53 15.15
C ILE B 45 19.07 -17.01 13.85
N ASP B 46 19.49 -18.20 13.39
CA ASP B 46 18.99 -18.74 12.13
C ASP B 46 17.48 -18.96 12.19
N GLY B 47 17.00 -19.62 13.23
CA GLY B 47 15.57 -19.87 13.35
C GLY B 47 14.76 -18.59 13.40
N VAL B 48 15.26 -17.58 14.09
CA VAL B 48 14.51 -16.33 14.25
C VAL B 48 14.44 -15.57 12.94
N THR B 49 15.57 -15.47 12.23
CA THR B 49 15.56 -14.80 10.93
C THR B 49 14.63 -15.54 9.96
N ASN B 50 14.68 -16.88 9.97
CA ASN B 50 13.82 -17.64 9.08
C ASN B 50 12.34 -17.45 9.43
N LYS B 51 12.02 -17.38 10.73
CA LYS B 51 10.65 -17.13 11.13
C LYS B 51 10.16 -15.78 10.64
N VAL B 52 10.99 -14.75 10.79
CA VAL B 52 10.54 -13.39 10.39
C VAL B 52 10.27 -13.41 8.89
N ASN B 53 11.22 -13.89 8.10
CA ASN B 53 11.09 -13.83 6.62
C ASN B 53 9.90 -14.66 6.18
N SER B 54 9.69 -15.82 6.80
CA SER B 54 8.51 -16.66 6.45
C SER B 54 7.23 -15.88 6.72
N ILE B 55 7.12 -15.30 7.92
CA ILE B 55 5.95 -14.48 8.24
C ILE B 55 5.76 -13.39 7.19
N ILE B 56 6.84 -12.71 6.82
CA ILE B 56 6.74 -11.63 5.85
C ILE B 56 6.27 -12.17 4.49
N ASP B 57 6.83 -13.30 4.06
CA ASP B 57 6.46 -13.86 2.76
C ASP B 57 5.02 -14.37 2.77
N LYS B 58 4.56 -14.95 3.88
CA LYS B 58 3.17 -15.36 3.98
C LYS B 58 2.24 -14.16 3.94
N MET B 59 2.67 -13.05 4.55
CA MET B 59 1.86 -11.83 4.53
C MET B 59 1.89 -11.14 3.18
N ASN B 60 2.90 -11.41 2.35
CA ASN B 60 3.05 -10.69 1.09
C ASN B 60 1.85 -10.86 0.17
N THR B 61 1.17 -12.02 0.23
CA THR B 61 -0.04 -12.24 -0.57
C THR B 61 -1.24 -11.76 0.24
N GLN B 62 -1.48 -10.45 0.15
CA GLN B 62 -2.49 -9.77 0.94
C GLN B 62 -3.32 -8.88 0.04
N PHE B 63 -4.62 -8.80 0.33
CA PHE B 63 -5.55 -8.06 -0.50
C PHE B 63 -5.12 -6.59 -0.61
N GLU B 64 -5.26 -6.04 -1.82
CA GLU B 64 -4.94 -4.65 -2.10
C GLU B 64 -6.16 -3.94 -2.65
N ALA B 65 -6.51 -2.80 -2.07
CA ALA B 65 -7.72 -2.10 -2.43
C ALA B 65 -7.54 -1.27 -3.70
N VAL B 66 -8.62 -1.14 -4.46
CA VAL B 66 -8.66 -0.29 -5.64
C VAL B 66 -9.84 0.66 -5.48
N GLY B 67 -9.69 1.88 -6.00
CA GLY B 67 -10.72 2.89 -5.88
C GLY B 67 -11.69 2.84 -7.05
N ARG B 68 -12.97 2.93 -6.74
CA ARG B 68 -14.02 2.97 -7.76
C ARG B 68 -15.10 3.93 -7.31
N GLU B 69 -15.90 4.37 -8.28
CA GLU B 69 -16.95 5.36 -8.05
C GLU B 69 -18.31 4.79 -8.45
N PHE B 70 -19.34 5.20 -7.71
CA PHE B 70 -20.70 4.76 -7.95
C PHE B 70 -21.63 5.94 -7.79
N ASN B 71 -22.57 6.10 -8.73
CA ASN B 71 -23.45 7.26 -8.71
C ASN B 71 -24.47 7.16 -7.58
N ASN B 72 -25.37 8.13 -7.50
CA ASN B 72 -26.34 8.18 -6.37
C ASN B 72 -27.45 7.14 -6.52
N LEU B 73 -27.47 6.37 -7.61
CA LEU B 73 -28.49 5.30 -7.72
C LEU B 73 -27.79 3.93 -7.64
N GLU B 74 -26.48 3.94 -7.41
CA GLU B 74 -25.74 2.70 -7.23
C GLU B 74 -25.33 2.53 -5.76
N ARG B 75 -26.22 2.92 -4.87
CA ARG B 75 -25.87 2.92 -3.42
C ARG B 75 -25.65 1.50 -2.88
N ARG B 76 -26.42 0.53 -3.34
CA ARG B 76 -26.29 -0.83 -2.82
C ARG B 76 -24.94 -1.44 -3.19
N ILE B 77 -24.55 -1.26 -4.44
CA ILE B 77 -23.25 -1.84 -4.93
C ILE B 77 -22.10 -1.02 -4.34
N GLU B 78 -22.30 0.26 -4.08
CA GLU B 78 -21.28 1.04 -3.38
C GLU B 78 -21.08 0.52 -1.96
N ASN B 79 -22.18 0.23 -1.26
CA ASN B 79 -22.09 -0.41 0.05
C ASN B 79 -21.38 -1.75 -0.04
N LEU B 80 -21.69 -2.53 -1.08
CA LEU B 80 -21.02 -3.84 -1.24
C LEU B 80 -19.52 -3.60 -1.36
N ASN B 81 -19.10 -2.75 -2.29
CA ASN B 81 -17.68 -2.48 -2.46
C ASN B 81 -17.04 -2.05 -1.14
N LYS B 82 -17.69 -1.13 -0.44
CA LYS B 82 -17.13 -0.60 0.82
C LYS B 82 -16.95 -1.74 1.83
N LYS B 83 -18.03 -2.46 2.12
CA LYS B 83 -18.00 -3.54 3.14
C LYS B 83 -16.97 -4.61 2.76
N MET B 84 -16.86 -4.94 1.49
CA MET B 84 -15.93 -6.04 1.13
C MET B 84 -14.48 -5.56 1.28
N GLU B 85 -14.17 -4.38 0.75
CA GLU B 85 -12.75 -3.92 0.78
C GLU B 85 -12.34 -3.72 2.24
N ASP B 86 -13.30 -3.44 3.11
CA ASP B 86 -13.00 -3.20 4.54
C ASP B 86 -13.00 -4.54 5.27
N GLY B 87 -13.86 -5.46 4.86
CA GLY B 87 -13.86 -6.77 5.49
C GLY B 87 -12.59 -7.54 5.20
N PHE B 88 -12.09 -7.45 3.96
CA PHE B 88 -10.76 -8.01 3.70
C PHE B 88 -9.70 -7.33 4.56
N LEU B 89 -9.82 -6.01 4.74
CA LEU B 89 -8.86 -5.31 5.59
C LEU B 89 -8.98 -5.74 7.05
N ASP B 90 -10.21 -5.92 7.54
CA ASP B 90 -10.41 -6.43 8.90
C ASP B 90 -9.77 -7.80 9.08
N VAL B 91 -10.11 -8.74 8.18
CA VAL B 91 -9.58 -10.10 8.26
C VAL B 91 -8.06 -10.08 8.25
N TRP B 92 -7.48 -9.27 7.36
CA TRP B 92 -6.02 -9.30 7.19
C TRP B 92 -5.31 -8.64 8.37
N THR B 93 -5.86 -7.52 8.87
CA THR B 93 -5.28 -6.89 10.05
C THR B 93 -5.33 -7.82 11.25
N TYR B 94 -6.45 -8.52 11.42
CA TYR B 94 -6.52 -9.51 12.50
C TYR B 94 -5.43 -10.55 12.28
N ASN B 95 -5.38 -11.12 11.09
CA ASN B 95 -4.40 -12.17 10.81
C ASN B 95 -3.01 -11.72 11.21
N ALA B 96 -2.62 -10.50 10.80
CA ALA B 96 -1.28 -10.01 11.11
C ALA B 96 -1.08 -9.87 12.61
N GLU B 97 -2.01 -9.22 13.30
CA GLU B 97 -1.86 -8.98 14.73
C GLU B 97 -1.81 -10.29 15.52
N LEU B 98 -2.73 -11.20 15.21
CA LEU B 98 -2.79 -12.48 15.90
C LEU B 98 -1.52 -13.29 15.66
N LEU B 99 -1.07 -13.35 14.41
CA LEU B 99 0.16 -14.07 14.09
C LEU B 99 1.34 -13.49 14.84
N VAL B 100 1.43 -12.16 14.90
CA VAL B 100 2.50 -11.51 15.66
C VAL B 100 2.47 -11.97 17.11
N LEU B 101 1.29 -11.89 17.74
CA LEU B 101 1.18 -12.27 19.15
C LEU B 101 1.62 -13.71 19.38
N MET B 102 1.02 -14.61 18.62
CA MET B 102 1.32 -16.05 18.76
C MET B 102 2.81 -16.29 18.51
N GLU B 103 3.34 -15.89 17.36
CA GLU B 103 4.75 -16.23 17.03
C GLU B 103 5.72 -15.55 17.98
N ASN B 104 5.34 -14.45 18.63
CA ASN B 104 6.23 -13.82 19.64
C ASN B 104 6.25 -14.70 20.88
N GLU B 105 5.08 -15.03 21.42
CA GLU B 105 5.00 -15.93 22.60
C GLU B 105 5.85 -17.17 22.33
N ARG B 106 5.89 -17.62 21.08
CA ARG B 106 6.61 -18.87 20.77
C ARG B 106 8.11 -18.59 20.64
N THR B 107 8.46 -17.39 20.20
CA THR B 107 9.89 -17.04 20.10
C THR B 107 10.46 -16.94 21.51
N LEU B 108 9.76 -16.24 22.40
CA LEU B 108 10.22 -16.10 23.78
C LEU B 108 10.41 -17.47 24.42
N ASP B 109 9.45 -18.37 24.24
CA ASP B 109 9.57 -19.68 24.85
C ASP B 109 10.60 -20.56 24.13
N PHE B 110 10.92 -20.25 22.87
CA PHE B 110 12.04 -20.90 22.20
C PHE B 110 13.36 -20.54 22.88
N HIS B 111 13.54 -19.25 23.20
CA HIS B 111 14.72 -18.84 23.96
C HIS B 111 14.77 -19.54 25.32
N ASP B 112 13.63 -19.58 26.02
CA ASP B 112 13.53 -20.31 27.28
C ASP B 112 13.99 -21.75 27.13
N SER B 113 13.49 -22.42 26.08
CA SER B 113 13.85 -23.81 25.84
C SER B 113 15.34 -23.98 25.59
N ASN B 114 15.93 -23.07 24.81
CA ASN B 114 17.36 -23.15 24.55
C ASN B 114 18.17 -23.05 25.84
N VAL B 115 17.81 -22.11 26.71
CA VAL B 115 18.55 -21.94 27.96
C VAL B 115 18.43 -23.20 28.82
N LYS B 116 17.21 -23.72 28.93
CA LYS B 116 17.01 -24.92 29.75
C LYS B 116 17.76 -26.12 29.17
N ASN B 117 17.82 -26.21 27.84
CA ASN B 117 18.54 -27.30 27.19
C ASN B 117 20.03 -27.24 27.51
N LEU B 118 20.62 -26.05 27.40
CA LEU B 118 22.04 -25.93 27.72
C LEU B 118 22.30 -26.23 29.19
N TYR B 119 21.41 -25.77 30.08
CA TYR B 119 21.55 -26.07 31.51
C TYR B 119 21.54 -27.57 31.74
N ASP B 120 20.58 -28.28 31.15
CA ASP B 120 20.50 -29.72 31.35
C ASP B 120 21.71 -30.43 30.75
N LYS B 121 22.18 -29.91 29.61
CA LYS B 121 23.35 -30.52 28.93
C LYS B 121 24.52 -30.58 29.91
N VAL B 122 24.87 -29.45 30.53
CA VAL B 122 26.08 -29.46 31.41
C VAL B 122 25.74 -30.14 32.74
N ARG B 123 24.47 -30.12 33.14
CA ARG B 123 24.08 -30.87 34.37
C ARG B 123 24.36 -32.36 34.11
N LEU B 124 24.13 -32.82 32.88
CA LEU B 124 24.38 -34.19 32.49
C LEU B 124 25.87 -34.46 32.30
N GLN B 125 26.64 -33.46 31.88
CA GLN B 125 28.10 -33.78 31.76
C GLN B 125 28.74 -33.70 33.15
N LEU B 126 28.34 -32.72 33.96
CA LEU B 126 28.88 -32.58 35.34
C LEU B 126 28.08 -33.51 36.25
N ARG B 127 28.52 -34.76 36.41
CA ARG B 127 27.74 -35.71 37.25
C ARG B 127 27.44 -35.99 38.69
N ASP B 128 28.48 -36.24 39.48
CA ASP B 128 28.31 -36.52 40.96
C ASP B 128 29.51 -35.66 41.21
N ASN B 129 30.25 -35.28 40.17
CA ASN B 129 31.46 -34.45 40.39
C ASN B 129 31.06 -33.00 40.68
N ALA B 130 29.78 -32.66 40.50
CA ALA B 130 29.33 -31.26 40.67
C ALA B 130 28.03 -31.19 41.46
N LYS B 131 27.92 -30.20 42.35
CA LYS B 131 26.72 -30.01 43.15
C LYS B 131 25.86 -28.92 42.51
N GLU B 132 24.57 -29.19 42.42
CA GLU B 132 23.64 -28.31 41.71
C GLU B 132 23.05 -27.32 42.70
N LEU B 133 23.45 -26.05 42.58
CA LEU B 133 23.05 -25.04 43.57
C LEU B 133 21.60 -24.61 43.40
N GLY B 134 21.08 -24.68 42.17
CA GLY B 134 19.70 -24.35 41.88
C GLY B 134 19.50 -22.99 41.23
N ASN B 135 20.39 -22.03 41.48
CA ASN B 135 20.27 -20.70 40.90
C ASN B 135 20.68 -20.64 39.44
N GLY B 136 20.94 -21.79 38.81
CA GLY B 136 21.50 -21.83 37.48
C GLY B 136 22.99 -22.10 37.43
N CYS B 137 23.62 -22.40 38.57
CA CYS B 137 25.05 -22.63 38.65
C CYS B 137 25.33 -24.03 39.15
N PHE B 138 26.56 -24.49 38.91
CA PHE B 138 27.05 -25.75 39.44
C PHE B 138 28.38 -25.50 40.13
N GLU B 139 28.60 -26.17 41.26
CA GLU B 139 29.83 -26.05 42.03
C GLU B 139 30.64 -27.32 41.83
N PHE B 140 31.83 -27.18 41.26
CA PHE B 140 32.69 -28.31 40.98
C PHE B 140 33.32 -28.82 42.28
N TYR B 141 33.06 -30.09 42.63
CA TYR B 141 33.77 -30.69 43.74
C TYR B 141 35.27 -30.69 43.49
N HIS B 142 35.68 -31.14 42.31
CA HIS B 142 37.06 -31.02 41.88
C HIS B 142 37.28 -29.68 41.20
N LYS B 143 38.33 -28.94 41.57
CA LYS B 143 38.54 -27.59 40.98
C LYS B 143 38.73 -27.72 39.46
N CYS B 144 37.99 -26.94 38.67
CA CYS B 144 38.05 -27.05 37.17
C CYS B 144 38.76 -25.79 36.63
N ASP B 145 39.98 -25.92 36.12
CA ASP B 145 40.78 -24.85 35.56
C ASP B 145 40.18 -24.36 34.23
N ASN B 146 40.65 -23.20 33.78
CA ASN B 146 40.17 -22.65 32.52
C ASN B 146 39.97 -23.64 31.37
N GLU B 147 40.99 -24.46 31.12
CA GLU B 147 40.87 -25.48 30.05
C GLU B 147 39.76 -26.44 30.45
N CYS B 148 39.77 -26.84 31.73
CA CYS B 148 38.73 -27.76 32.24
C CYS B 148 37.37 -27.07 32.05
N MET B 149 37.34 -25.75 32.24
CA MET B 149 36.07 -24.99 32.10
C MET B 149 35.60 -25.12 30.64
N GLU B 150 36.42 -24.70 29.69
CA GLU B 150 36.07 -24.80 28.27
C GLU B 150 35.66 -26.22 27.90
N SER B 151 36.30 -27.22 28.51
CA SER B 151 35.89 -28.62 28.27
C SER B 151 34.39 -28.73 28.57
N VAL B 152 33.97 -28.20 29.72
CA VAL B 152 32.53 -28.20 30.01
C VAL B 152 31.79 -27.44 28.92
N ARG B 153 32.29 -26.27 28.57
CA ARG B 153 31.57 -25.43 27.59
C ARG B 153 31.51 -26.14 26.24
N ASN B 154 32.65 -26.43 25.63
CA ASN B 154 32.66 -26.98 24.28
C ASN B 154 32.13 -28.42 24.22
N GLY B 155 31.76 -29.00 25.34
CA GLY B 155 31.18 -30.33 25.34
C GLY B 155 32.17 -31.48 25.36
N THR B 156 33.45 -31.22 25.66
CA THR B 156 34.47 -32.26 25.72
C THR B 156 34.97 -32.46 27.15
N TYR B 157 34.05 -32.51 28.11
CA TYR B 157 34.39 -32.71 29.51
C TYR B 157 34.80 -34.16 29.72
N ASP B 158 36.10 -34.41 29.84
CA ASP B 158 36.61 -35.75 30.11
C ASP B 158 36.38 -36.04 31.59
N TYR B 159 35.15 -36.45 31.87
CA TYR B 159 34.76 -36.73 33.27
C TYR B 159 35.75 -37.70 33.93
N PRO B 160 36.10 -38.86 33.35
CA PRO B 160 36.89 -39.85 34.12
C PRO B 160 38.16 -39.28 34.74
N GLN B 161 38.81 -38.30 34.11
CA GLN B 161 40.02 -37.72 34.69
C GLN B 161 39.71 -37.09 36.05
N TYR B 162 38.69 -36.23 36.09
CA TYR B 162 38.25 -35.64 37.35
C TYR B 162 37.32 -36.56 38.14
N SER B 163 36.96 -37.72 37.60
CA SER B 163 36.03 -38.61 38.29
C SER B 163 36.61 -39.07 39.62
N GLU B 164 37.81 -39.65 39.59
CA GLU B 164 38.44 -40.12 40.82
C GLU B 164 38.68 -38.96 41.78
N GLU B 165 39.18 -37.84 41.26
CA GLU B 165 39.52 -36.69 42.13
C GLU B 165 38.27 -36.18 42.84
N ALA B 166 37.18 -35.94 42.10
CA ALA B 166 35.97 -35.44 42.70
C ALA B 166 35.24 -36.49 43.53
N ARG B 167 35.47 -37.78 43.27
CA ARG B 167 34.94 -38.81 44.17
C ARG B 167 35.65 -38.76 45.52
N LEU B 168 36.98 -38.64 45.51
CA LEU B 168 37.72 -38.47 46.76
C LEU B 168 37.31 -37.18 47.45
N LYS B 169 37.04 -36.13 46.69
CA LYS B 169 36.63 -34.87 47.30
C LYS B 169 35.20 -34.93 47.83
N ARG B 170 34.35 -35.76 47.22
CA ARG B 170 33.01 -36.01 47.74
C ARG B 170 33.07 -36.86 49.01
N GLU B 171 34.11 -37.69 49.14
CA GLU B 171 34.29 -38.44 50.38
C GLU B 171 34.39 -37.53 51.59
N GLU B 172 35.13 -36.43 51.47
CA GLU B 172 35.29 -35.52 52.59
C GLU B 172 33.98 -34.78 52.89
N ILE B 173 33.26 -34.37 51.85
CA ILE B 173 31.96 -33.73 52.05
C ILE B 173 30.97 -34.71 52.69
N SER B 174 31.14 -36.01 52.42
CA SER B 174 30.25 -37.01 53.00
C SER B 174 30.57 -37.28 54.46
N SER B 175 31.83 -37.13 54.86
CA SER B 175 32.24 -37.29 56.25
C SER B 175 32.39 -35.95 56.97
N GLY B 176 31.85 -34.88 56.41
CA GLY B 176 31.94 -33.57 57.02
C GLY B 176 33.24 -32.85 56.69
N TRP C 2 16.15 -9.90 4.07
CA TRP C 2 15.99 -9.33 5.44
C TRP C 2 17.03 -9.97 6.35
N THR C 3 17.79 -9.09 6.99
CA THR C 3 18.84 -9.53 7.94
C THR C 3 18.76 -8.51 9.08
N GLY C 4 18.45 -8.96 10.29
CA GLY C 4 18.31 -8.03 11.42
C GLY C 4 19.66 -7.76 12.05
N ASP C 5 20.67 -8.56 11.69
CA ASP C 5 22.05 -8.38 12.23
C ASP C 5 22.21 -8.41 13.75
N PHE C 6 21.85 -9.52 14.41
CA PHE C 6 22.13 -9.64 15.86
C PHE C 6 23.55 -10.09 16.17
N PHE C 7 24.11 -9.62 17.28
CA PHE C 7 25.51 -9.98 17.65
C PHE C 7 26.40 -9.91 16.42
N SER C 8 26.55 -8.71 15.85
CA SER C 8 27.42 -8.51 14.66
C SER C 8 28.88 -8.93 14.74
N SER C 9 29.44 -9.44 13.64
CA SER C 9 30.88 -9.79 13.58
C SER C 9 31.08 -11.04 14.44
N HIS C 10 29.98 -11.73 14.80
CA HIS C 10 30.08 -12.94 15.67
C HIS C 10 29.32 -14.09 15.03
N TYR C 11 28.18 -13.80 14.40
CA TYR C 11 27.34 -14.89 13.83
C TYR C 11 26.91 -14.55 12.40
N THR C 12 26.69 -15.59 11.58
CA THR C 12 26.25 -15.39 10.18
C THR C 12 24.72 -15.39 10.14
N VAL C 13 24.09 -14.26 10.43
CA VAL C 13 22.60 -14.16 10.32
C VAL C 13 22.20 -14.74 8.95
N PRO C 14 21.29 -15.73 8.88
CA PRO C 14 20.93 -16.37 7.60
C PRO C 14 20.10 -15.42 6.72
N ARG C 15 19.63 -15.91 5.57
CA ARG C 15 18.88 -15.05 4.62
C ARG C 15 19.51 -14.03 3.65
N CYS C 16 20.85 -13.92 3.66
CA CYS C 16 21.56 -12.98 2.76
C CYS C 16 22.15 -12.25 3.96
#